data_2L3I
#
_entry.id   2L3I
#
_entity_poly.entity_id   1
_entity_poly.type   'polypeptide(L)'
_entity_poly.pdbx_seq_one_letter_code
;GIRCPKSWKCKAFKQRVLKRLLAMLRQHAF
;
_entity_poly.pdbx_strand_id   A
#
# COMPACT_ATOMS: atom_id res chain seq x y z
N GLY A 1 3.95 -12.64 14.17
CA GLY A 1 5.37 -12.85 14.01
C GLY A 1 5.92 -12.18 12.77
N ILE A 2 5.78 -12.85 11.63
CA ILE A 2 6.27 -12.31 10.36
C ILE A 2 5.22 -11.42 9.71
N ARG A 3 5.67 -10.55 8.81
CA ARG A 3 4.77 -9.64 8.11
C ARG A 3 4.95 -9.76 6.60
N CYS A 4 6.16 -9.46 6.13
CA CYS A 4 6.47 -9.53 4.71
C CYS A 4 6.77 -10.96 4.28
N PRO A 5 6.67 -11.22 2.96
CA PRO A 5 6.93 -12.55 2.40
C PRO A 5 8.40 -12.92 2.46
N LYS A 6 8.86 -13.33 3.64
CA LYS A 6 10.25 -13.72 3.83
C LYS A 6 11.19 -12.64 3.33
N SER A 7 11.19 -11.50 4.00
CA SER A 7 12.04 -10.37 3.61
C SER A 7 11.83 -9.18 4.55
N TRP A 8 12.89 -8.80 5.25
CA TRP A 8 12.82 -7.67 6.18
C TRP A 8 12.99 -6.35 5.44
N LYS A 9 12.04 -6.03 4.57
CA LYS A 9 12.09 -4.79 3.80
C LYS A 9 10.80 -4.00 3.95
N CYS A 10 9.74 -4.47 3.30
CA CYS A 10 8.44 -3.81 3.36
C CYS A 10 8.58 -2.32 3.04
N LYS A 11 8.83 -2.02 1.77
CA LYS A 11 8.97 -0.64 1.33
C LYS A 11 7.79 0.21 1.78
N ALA A 12 8.04 1.10 2.73
CA ALA A 12 6.98 1.96 3.26
C ALA A 12 6.26 2.68 2.13
N PHE A 13 7.03 3.12 1.12
CA PHE A 13 6.45 3.83 -0.01
C PHE A 13 5.41 2.97 -0.73
N LYS A 14 5.86 1.86 -1.31
CA LYS A 14 4.98 0.95 -2.01
C LYS A 14 3.86 0.46 -1.10
N GLN A 15 4.17 0.34 0.19
CA GLN A 15 3.18 -0.13 1.17
C GLN A 15 1.99 0.82 1.23
N ARG A 16 2.27 2.12 1.26
CA ARG A 16 1.22 3.11 1.33
C ARG A 16 0.52 3.25 -0.02
N VAL A 17 1.31 3.34 -1.08
CA VAL A 17 0.77 3.48 -2.44
C VAL A 17 -0.27 2.40 -2.72
N LEU A 18 0.00 1.19 -2.26
CA LEU A 18 -0.92 0.07 -2.46
C LEU A 18 -2.32 0.42 -1.99
N LYS A 19 -2.40 1.08 -0.84
CA LYS A 19 -3.69 1.48 -0.27
C LYS A 19 -4.15 2.80 -0.88
N ARG A 20 -3.21 3.68 -1.17
CA ARG A 20 -3.52 4.98 -1.75
C ARG A 20 -4.38 4.82 -3.01
N LEU A 21 -4.00 3.88 -3.86
CA LEU A 21 -4.74 3.62 -5.09
C LEU A 21 -6.21 3.37 -4.82
N LEU A 22 -6.49 2.76 -3.67
CA LEU A 22 -7.86 2.45 -3.28
C LEU A 22 -8.57 3.71 -2.75
N ALA A 23 -7.99 4.31 -1.72
CA ALA A 23 -8.54 5.52 -1.13
C ALA A 23 -8.84 6.57 -2.20
N MET A 24 -7.94 6.69 -3.16
CA MET A 24 -8.12 7.66 -4.24
C MET A 24 -9.15 7.17 -5.26
N LEU A 25 -9.08 5.88 -5.59
CA LEU A 25 -10.00 5.29 -6.54
C LEU A 25 -11.45 5.60 -6.17
N ARG A 26 -11.80 5.32 -4.92
CA ARG A 26 -13.15 5.57 -4.43
C ARG A 26 -13.51 7.05 -4.57
N GLN A 27 -12.55 7.92 -4.30
CA GLN A 27 -12.77 9.36 -4.39
C GLN A 27 -12.33 9.89 -5.75
N HIS A 28 -12.57 9.11 -6.79
CA HIS A 28 -12.20 9.50 -8.15
C HIS A 28 -12.73 10.89 -8.48
N ALA A 29 -11.95 11.65 -9.23
CA ALA A 29 -12.34 13.00 -9.62
C ALA A 29 -12.82 13.04 -11.07
N PHE A 30 -14.13 12.94 -11.25
CA PHE A 30 -14.72 12.97 -12.59
C PHE A 30 -14.29 14.22 -13.35
N GLY A 1 -2.11 -13.73 4.12
CA GLY A 1 -0.72 -14.12 4.22
C GLY A 1 0.11 -13.08 4.96
N ILE A 2 1.36 -12.93 4.53
CA ILE A 2 2.26 -11.96 5.16
C ILE A 2 2.10 -10.58 4.53
N ARG A 3 2.53 -9.55 5.27
CA ARG A 3 2.44 -8.18 4.79
C ARG A 3 3.23 -8.00 3.49
N CYS A 4 4.51 -8.32 3.54
CA CYS A 4 5.38 -8.20 2.38
C CYS A 4 5.68 -9.57 1.77
N PRO A 5 6.11 -9.57 0.50
CA PRO A 5 6.45 -10.81 -0.21
C PRO A 5 7.71 -11.47 0.33
N LYS A 6 7.58 -12.16 1.45
CA LYS A 6 8.71 -12.84 2.07
C LYS A 6 9.89 -11.88 2.24
N SER A 7 9.73 -10.90 3.11
CA SER A 7 10.77 -9.92 3.37
C SER A 7 10.32 -8.89 4.40
N TRP A 8 11.01 -8.85 5.53
CA TRP A 8 10.68 -7.91 6.60
C TRP A 8 11.29 -6.54 6.33
N LYS A 9 10.84 -5.89 5.25
CA LYS A 9 11.34 -4.58 4.88
C LYS A 9 10.19 -3.58 4.70
N CYS A 10 9.46 -3.72 3.60
CA CYS A 10 8.34 -2.84 3.32
C CYS A 10 8.74 -1.37 3.43
N LYS A 11 9.48 -0.89 2.42
CA LYS A 11 9.93 0.49 2.41
C LYS A 11 8.77 1.45 2.66
N ALA A 12 9.09 2.64 3.17
CA ALA A 12 8.07 3.65 3.45
C ALA A 12 7.19 3.90 2.23
N PHE A 13 7.82 3.96 1.06
CA PHE A 13 7.10 4.20 -0.18
C PHE A 13 6.02 3.14 -0.39
N LYS A 14 6.45 1.89 -0.54
CA LYS A 14 5.52 0.79 -0.75
C LYS A 14 4.48 0.74 0.37
N GLN A 15 4.91 0.99 1.59
CA GLN A 15 4.01 0.98 2.73
C GLN A 15 2.84 1.94 2.52
N ARG A 16 3.15 3.13 2.01
CA ARG A 16 2.13 4.13 1.76
C ARG A 16 1.29 3.77 0.53
N VAL A 17 1.96 3.36 -0.54
CA VAL A 17 1.28 2.98 -1.76
C VAL A 17 0.18 1.96 -1.49
N LEU A 18 0.45 1.01 -0.61
CA LEU A 18 -0.50 -0.02 -0.26
C LEU A 18 -1.84 0.59 0.13
N LYS A 19 -1.79 1.67 0.93
CA LYS A 19 -2.98 2.35 1.38
C LYS A 19 -3.46 3.35 0.33
N ARG A 20 -2.52 3.96 -0.37
CA ARG A 20 -2.86 4.93 -1.41
C ARG A 20 -3.85 4.35 -2.41
N LEU A 21 -3.60 3.12 -2.82
CA LEU A 21 -4.48 2.44 -3.78
C LEU A 21 -5.93 2.44 -3.30
N LEU A 22 -6.09 2.37 -1.98
CA LEU A 22 -7.42 2.36 -1.38
C LEU A 22 -8.02 3.76 -1.35
N ALA A 23 -7.30 4.69 -0.71
CA ALA A 23 -7.75 6.07 -0.62
C ALA A 23 -8.13 6.62 -1.99
N MET A 24 -7.33 6.27 -3.00
CA MET A 24 -7.59 6.74 -4.36
C MET A 24 -8.75 5.96 -5.00
N LEU A 25 -8.76 4.65 -4.77
CA LEU A 25 -9.81 3.80 -5.32
C LEU A 25 -11.19 4.35 -4.98
N ARG A 26 -11.42 4.60 -3.69
CA ARG A 26 -12.70 5.13 -3.24
C ARG A 26 -12.95 6.53 -3.80
N GLN A 27 -11.87 7.24 -4.10
CA GLN A 27 -11.96 8.58 -4.65
C GLN A 27 -11.88 8.56 -6.17
N HIS A 28 -12.25 7.44 -6.77
CA HIS A 28 -12.21 7.29 -8.21
C HIS A 28 -12.94 8.43 -8.90
N ALA A 29 -12.51 8.77 -10.12
CA ALA A 29 -13.12 9.85 -10.87
C ALA A 29 -13.53 9.38 -12.26
N PHE A 30 -14.48 10.09 -12.87
CA PHE A 30 -14.97 9.75 -14.19
C PHE A 30 -13.82 9.71 -15.20
N GLY A 1 1.39 -4.89 10.11
CA GLY A 1 0.25 -5.77 9.93
C GLY A 1 0.31 -6.56 8.63
N ILE A 2 0.97 -5.99 7.63
CA ILE A 2 1.10 -6.64 6.34
C ILE A 2 2.30 -7.57 6.32
N ARG A 3 2.29 -8.52 5.38
CA ARG A 3 3.39 -9.47 5.25
C ARG A 3 4.10 -9.30 3.92
N CYS A 4 5.41 -9.07 3.96
CA CYS A 4 6.20 -8.89 2.75
C CYS A 4 6.62 -10.24 2.17
N PRO A 5 6.99 -10.24 0.88
CA PRO A 5 7.41 -11.44 0.18
C PRO A 5 8.77 -11.96 0.66
N LYS A 6 8.76 -12.63 1.81
CA LYS A 6 9.98 -13.17 2.40
C LYS A 6 11.06 -12.11 2.49
N SER A 7 10.84 -11.11 3.35
CA SER A 7 11.79 -10.02 3.52
C SER A 7 11.27 -9.02 4.55
N TRP A 8 12.01 -8.88 5.64
CA TRP A 8 11.63 -7.94 6.71
C TRP A 8 12.09 -6.52 6.38
N LYS A 9 11.52 -5.97 5.31
CA LYS A 9 11.86 -4.61 4.90
C LYS A 9 10.61 -3.74 4.75
N CYS A 10 9.86 -3.99 3.68
CA CYS A 10 8.64 -3.23 3.43
C CYS A 10 8.89 -1.73 3.50
N LYS A 11 9.47 -1.19 2.43
CA LYS A 11 9.79 0.23 2.36
C LYS A 11 8.55 1.07 2.70
N ALA A 12 8.74 2.08 3.53
CA ALA A 12 7.65 2.96 3.94
C ALA A 12 6.91 3.50 2.72
N PHE A 13 7.66 3.93 1.72
CA PHE A 13 7.07 4.48 0.50
C PHE A 13 6.10 3.48 -0.12
N LYS A 14 6.62 2.33 -0.53
CA LYS A 14 5.80 1.30 -1.14
C LYS A 14 4.64 0.90 -0.23
N GLN A 15 4.94 0.74 1.05
CA GLN A 15 3.92 0.36 2.03
C GLN A 15 2.75 1.33 1.98
N ARG A 16 3.05 2.61 1.77
CA ARG A 16 2.01 3.64 1.70
C ARG A 16 1.24 3.55 0.39
N VAL A 17 1.97 3.46 -0.72
CA VAL A 17 1.34 3.37 -2.04
C VAL A 17 0.30 2.26 -2.08
N LEU A 18 0.62 1.13 -1.45
CA LEU A 18 -0.28 -0.01 -1.42
C LEU A 18 -1.66 0.41 -0.91
N LYS A 19 -1.68 1.25 0.11
CA LYS A 19 -2.93 1.73 0.68
C LYS A 19 -3.47 2.93 -0.10
N ARG A 20 -2.57 3.76 -0.59
CA ARG A 20 -2.95 4.94 -1.35
C ARG A 20 -3.87 4.56 -2.51
N LEU A 21 -3.51 3.50 -3.22
CA LEU A 21 -4.30 3.03 -4.35
C LEU A 21 -5.75 2.80 -3.94
N LEU A 22 -5.95 2.37 -2.70
CA LEU A 22 -7.29 2.11 -2.18
C LEU A 22 -7.99 3.42 -1.83
N ALA A 23 -7.37 4.20 -0.95
CA ALA A 23 -7.94 5.47 -0.53
C ALA A 23 -8.33 6.33 -1.73
N MET A 24 -7.49 6.30 -2.77
CA MET A 24 -7.75 7.08 -3.98
C MET A 24 -8.82 6.40 -4.83
N LEU A 25 -8.73 5.08 -4.95
CA LEU A 25 -9.69 4.32 -5.74
C LEU A 25 -11.12 4.66 -5.33
N ARG A 26 -11.40 4.57 -4.03
CA ARG A 26 -12.72 4.87 -3.52
C ARG A 26 -13.09 6.32 -3.76
N GLN A 27 -12.08 7.18 -3.85
CA GLN A 27 -12.29 8.60 -4.09
C GLN A 27 -12.17 8.93 -5.57
N HIS A 28 -12.44 7.94 -6.41
CA HIS A 28 -12.35 8.13 -7.86
C HIS A 28 -13.17 9.35 -8.30
N ALA A 29 -12.76 9.96 -9.40
CA ALA A 29 -13.45 11.13 -9.92
C ALA A 29 -13.71 11.00 -11.41
N PHE A 30 -14.95 10.66 -11.77
CA PHE A 30 -15.34 10.49 -13.17
C PHE A 30 -15.17 11.80 -13.93
N GLY A 1 5.28 -8.24 13.20
CA GLY A 1 4.43 -7.08 13.04
C GLY A 1 3.73 -7.04 11.70
N ILE A 2 4.47 -6.67 10.66
CA ILE A 2 3.92 -6.59 9.32
C ILE A 2 4.02 -7.94 8.61
N ARG A 3 3.20 -8.12 7.58
CA ARG A 3 3.19 -9.36 6.82
C ARG A 3 3.62 -9.11 5.37
N CYS A 4 4.89 -9.38 5.07
CA CYS A 4 5.42 -9.20 3.73
C CYS A 4 5.63 -10.54 3.03
N PRO A 5 5.71 -10.50 1.69
CA PRO A 5 5.92 -11.70 0.88
C PRO A 5 7.33 -12.28 1.05
N LYS A 6 7.52 -12.99 2.16
CA LYS A 6 8.82 -13.61 2.45
C LYS A 6 9.94 -12.58 2.34
N SER A 7 9.94 -11.61 3.24
CA SER A 7 10.96 -10.57 3.25
C SER A 7 10.70 -9.56 4.36
N TRP A 8 11.65 -9.47 5.28
CA TRP A 8 11.53 -8.56 6.41
C TRP A 8 11.98 -7.16 6.02
N LYS A 9 11.24 -6.54 5.10
CA LYS A 9 11.56 -5.20 4.64
C LYS A 9 10.34 -4.28 4.75
N CYS A 10 9.38 -4.46 3.84
CA CYS A 10 8.17 -3.66 3.83
C CYS A 10 8.50 -2.17 3.85
N LYS A 11 9.23 -1.71 2.84
CA LYS A 11 9.62 -0.31 2.74
C LYS A 11 8.40 0.60 2.91
N ALA A 12 8.57 1.67 3.66
CA ALA A 12 7.49 2.63 3.90
C ALA A 12 6.86 3.08 2.58
N PHE A 13 7.71 3.30 1.58
CA PHE A 13 7.24 3.74 0.27
C PHE A 13 6.28 2.72 -0.33
N LYS A 14 6.81 1.54 -0.66
CA LYS A 14 6.00 0.47 -1.24
C LYS A 14 4.79 0.17 -0.38
N GLN A 15 4.97 0.23 0.94
CA GLN A 15 3.90 -0.04 1.88
C GLN A 15 2.72 0.91 1.64
N ARG A 16 3.02 2.19 1.46
CA ARG A 16 1.99 3.19 1.23
C ARG A 16 1.41 3.06 -0.17
N VAL A 17 2.28 2.89 -1.16
CA VAL A 17 1.86 2.74 -2.55
C VAL A 17 0.79 1.66 -2.68
N LEU A 18 0.98 0.56 -1.96
CA LEU A 18 0.04 -0.56 -2.00
C LEU A 18 -1.38 -0.07 -1.75
N LYS A 19 -1.54 0.82 -0.77
CA LYS A 19 -2.85 1.37 -0.44
C LYS A 19 -3.20 2.55 -1.34
N ARG A 20 -2.18 3.31 -1.73
CA ARG A 20 -2.39 4.46 -2.60
C ARG A 20 -3.14 4.07 -3.86
N LEU A 21 -2.76 2.95 -4.46
CA LEU A 21 -3.39 2.46 -5.67
C LEU A 21 -4.91 2.33 -5.47
N LEU A 22 -5.30 1.97 -4.25
CA LEU A 22 -6.72 1.82 -3.94
C LEU A 22 -7.39 3.17 -3.74
N ALA A 23 -6.86 3.96 -2.82
CA ALA A 23 -7.41 5.29 -2.55
C ALA A 23 -7.57 6.09 -3.83
N MET A 24 -6.59 5.97 -4.72
CA MET A 24 -6.62 6.69 -5.99
C MET A 24 -7.59 6.03 -6.97
N LEU A 25 -7.57 4.70 -7.01
CA LEU A 25 -8.44 3.94 -7.90
C LEU A 25 -9.89 4.37 -7.72
N ARG A 26 -10.34 4.43 -6.47
CA ARG A 26 -11.72 4.83 -6.17
C ARG A 26 -11.75 6.21 -5.55
N GLN A 27 -11.04 7.16 -6.17
CA GLN A 27 -11.00 8.53 -5.67
C GLN A 27 -12.02 9.41 -6.39
N HIS A 28 -13.09 8.77 -6.89
CA HIS A 28 -14.14 9.49 -7.59
C HIS A 28 -14.64 10.67 -6.76
N ALA A 29 -15.33 11.59 -7.42
CA ALA A 29 -15.87 12.77 -6.75
C ALA A 29 -17.14 13.26 -7.43
N PHE A 30 -18.18 13.50 -6.64
CA PHE A 30 -19.46 13.97 -7.18
C PHE A 30 -19.26 15.28 -7.96
N GLY A 1 -2.61 -4.21 11.41
CA GLY A 1 -1.35 -4.02 10.71
C GLY A 1 -0.89 -5.26 9.98
N ILE A 2 -0.63 -5.11 8.68
CA ILE A 2 -0.18 -6.23 7.86
C ILE A 2 1.33 -6.40 7.93
N ARG A 3 1.82 -7.59 7.60
CA ARG A 3 3.24 -7.88 7.62
C ARG A 3 3.76 -8.18 6.22
N CYS A 4 5.07 -8.28 6.09
CA CYS A 4 5.69 -8.57 4.80
C CYS A 4 6.02 -10.06 4.68
N PRO A 5 6.22 -10.52 3.43
CA PRO A 5 6.55 -11.92 3.15
C PRO A 5 7.95 -12.30 3.61
N LYS A 6 8.10 -12.52 4.91
CA LYS A 6 9.39 -12.89 5.48
C LYS A 6 10.48 -11.90 5.05
N SER A 7 10.36 -10.66 5.52
CA SER A 7 11.32 -9.62 5.18
C SER A 7 10.95 -8.30 5.83
N TRP A 8 11.82 -7.80 6.70
CA TRP A 8 11.58 -6.54 7.39
C TRP A 8 11.98 -5.36 6.53
N LYS A 9 11.28 -5.18 5.41
CA LYS A 9 11.57 -4.09 4.49
C LYS A 9 10.30 -3.29 4.19
N CYS A 10 9.44 -3.86 3.36
CA CYS A 10 8.19 -3.20 3.00
C CYS A 10 8.45 -1.79 2.48
N LYS A 11 8.85 -1.69 1.22
CA LYS A 11 9.14 -0.40 0.61
C LYS A 11 7.97 0.56 0.79
N ALA A 12 8.22 1.65 1.51
CA ALA A 12 7.19 2.66 1.76
C ALA A 12 6.52 3.09 0.46
N PHE A 13 7.31 3.24 -0.59
CA PHE A 13 6.78 3.65 -1.89
C PHE A 13 5.73 2.66 -2.38
N LYS A 14 6.16 1.44 -2.66
CA LYS A 14 5.25 0.40 -3.14
C LYS A 14 4.11 0.17 -2.15
N GLN A 15 4.38 0.42 -0.87
CA GLN A 15 3.38 0.24 0.17
C GLN A 15 2.21 1.20 -0.02
N ARG A 16 2.52 2.45 -0.34
CA ARG A 16 1.49 3.46 -0.55
C ARG A 16 0.85 3.30 -1.93
N VAL A 17 1.68 3.15 -2.95
CA VAL A 17 1.20 2.98 -4.32
C VAL A 17 0.17 1.87 -4.40
N LEU A 18 0.42 0.78 -3.68
CA LEU A 18 -0.49 -0.37 -3.68
C LEU A 18 -1.90 0.07 -3.33
N LYS A 19 -2.02 0.96 -2.36
CA LYS A 19 -3.32 1.46 -1.93
C LYS A 19 -3.78 2.60 -2.83
N ARG A 20 -2.84 3.43 -3.26
CA ARG A 20 -3.16 4.56 -4.13
C ARG A 20 -3.95 4.11 -5.35
N LEU A 21 -3.52 3.01 -5.96
CA LEU A 21 -4.20 2.47 -7.14
C LEU A 21 -5.69 2.25 -6.85
N LEU A 22 -6.00 1.87 -5.61
CA LEU A 22 -7.39 1.64 -5.21
C LEU A 22 -8.13 2.96 -5.01
N ALA A 23 -7.60 3.79 -4.13
CA ALA A 23 -8.21 5.09 -3.84
C ALA A 23 -8.49 5.86 -5.13
N MET A 24 -7.56 5.78 -6.07
CA MET A 24 -7.70 6.48 -7.34
C MET A 24 -8.70 5.76 -8.24
N LEU A 25 -8.61 4.43 -8.26
CA LEU A 25 -9.51 3.61 -9.08
C LEU A 25 -10.96 3.80 -8.65
N ARG A 26 -11.32 3.19 -7.52
CA ARG A 26 -12.67 3.29 -6.99
C ARG A 26 -12.67 3.23 -5.47
N GLN A 27 -12.16 4.29 -4.84
CA GLN A 27 -12.10 4.35 -3.38
C GLN A 27 -11.48 5.66 -2.91
N HIS A 28 -11.76 6.73 -3.66
CA HIS A 28 -11.23 8.05 -3.34
C HIS A 28 -11.55 8.41 -1.88
N ALA A 29 -10.71 9.26 -1.29
CA ALA A 29 -10.90 9.68 0.09
C ALA A 29 -10.87 11.21 0.21
N PHE A 30 -11.45 11.72 1.29
CA PHE A 30 -11.50 13.16 1.51
C PHE A 30 -10.09 13.75 1.49
N GLY A 1 -0.12 -6.99 13.00
CA GLY A 1 -0.98 -6.32 12.03
C GLY A 1 -0.45 -6.42 10.61
N ILE A 2 0.80 -5.98 10.42
CA ILE A 2 1.42 -6.01 9.10
C ILE A 2 2.09 -7.37 8.85
N ARG A 3 2.31 -7.68 7.58
CA ARG A 3 2.95 -8.94 7.21
C ARG A 3 3.29 -8.95 5.72
N CYS A 4 4.58 -8.82 5.41
CA CYS A 4 5.03 -8.81 4.03
C CYS A 4 5.28 -10.24 3.53
N PRO A 5 5.31 -10.40 2.21
CA PRO A 5 5.53 -11.70 1.57
C PRO A 5 6.96 -12.21 1.76
N LYS A 6 7.23 -12.73 2.95
CA LYS A 6 8.57 -13.25 3.26
C LYS A 6 9.65 -12.21 2.95
N SER A 7 9.64 -11.12 3.70
CA SER A 7 10.62 -10.06 3.49
C SER A 7 10.39 -8.91 4.48
N TRP A 8 11.39 -8.66 5.32
CA TRP A 8 11.30 -7.60 6.31
C TRP A 8 11.66 -6.25 5.70
N LYS A 9 10.84 -5.80 4.76
CA LYS A 9 11.07 -4.52 4.09
C LYS A 9 9.83 -3.63 4.16
N CYS A 10 8.83 -3.97 3.36
CA CYS A 10 7.58 -3.21 3.33
C CYS A 10 7.87 -1.72 3.13
N LYS A 11 8.42 -1.38 1.97
CA LYS A 11 8.73 0.01 1.65
C LYS A 11 7.52 0.91 1.88
N ALA A 12 7.66 1.86 2.80
CA ALA A 12 6.57 2.79 3.10
C ALA A 12 6.03 3.44 1.84
N PHE A 13 6.93 3.79 0.92
CA PHE A 13 6.54 4.41 -0.34
C PHE A 13 5.61 3.51 -1.13
N LYS A 14 6.14 2.38 -1.60
CA LYS A 14 5.36 1.42 -2.37
C LYS A 14 4.10 1.02 -1.63
N GLN A 15 4.20 0.94 -0.30
CA GLN A 15 3.06 0.56 0.53
C GLN A 15 1.92 1.54 0.37
N ARG A 16 2.25 2.83 0.37
CA ARG A 16 1.25 3.88 0.23
C ARG A 16 0.79 4.00 -1.22
N VAL A 17 1.75 4.01 -2.14
CA VAL A 17 1.43 4.11 -3.57
C VAL A 17 0.40 3.07 -3.97
N LEU A 18 0.52 1.86 -3.44
CA LEU A 18 -0.40 0.78 -3.75
C LEU A 18 -1.84 1.22 -3.53
N LYS A 19 -2.08 1.94 -2.43
CA LYS A 19 -3.42 2.43 -2.10
C LYS A 19 -3.71 3.74 -2.82
N ARG A 20 -2.68 4.56 -2.98
CA ARG A 20 -2.82 5.86 -3.64
C ARG A 20 -3.46 5.68 -5.02
N LEU A 21 -3.00 4.68 -5.77
CA LEU A 21 -3.54 4.42 -7.10
C LEU A 21 -5.05 4.25 -7.05
N LEU A 22 -5.55 3.69 -5.95
CA LEU A 22 -6.98 3.48 -5.79
C LEU A 22 -7.69 4.78 -5.43
N ALA A 23 -7.24 5.40 -4.34
CA ALA A 23 -7.83 6.66 -3.88
C ALA A 23 -7.92 7.67 -5.03
N MET A 24 -6.88 7.71 -5.86
CA MET A 24 -6.84 8.62 -7.00
C MET A 24 -7.71 8.11 -8.14
N LEU A 25 -7.67 6.80 -8.37
CA LEU A 25 -8.44 6.17 -9.43
C LEU A 25 -9.91 6.56 -9.33
N ARG A 26 -10.51 6.32 -8.17
CA ARG A 26 -11.91 6.63 -7.94
C ARG A 26 -12.07 7.50 -6.70
N GLN A 27 -11.99 6.88 -5.53
CA GLN A 27 -12.12 7.60 -4.27
C GLN A 27 -11.97 6.65 -3.08
N HIS A 28 -11.12 5.65 -3.24
CA HIS A 28 -10.89 4.67 -2.18
C HIS A 28 -10.56 5.36 -0.86
N ALA A 29 -10.97 4.73 0.24
CA ALA A 29 -10.72 5.30 1.57
C ALA A 29 -9.87 4.34 2.42
N PHE A 30 -9.29 4.87 3.48
CA PHE A 30 -8.45 4.08 4.37
C PHE A 30 -9.25 2.92 4.98
N GLY A 1 2.37 -5.61 12.44
CA GLY A 1 1.21 -4.95 11.87
C GLY A 1 1.07 -5.20 10.38
N ILE A 2 2.19 -5.08 9.65
CA ILE A 2 2.18 -5.29 8.22
C ILE A 2 2.38 -6.77 7.87
N ARG A 3 1.98 -7.14 6.67
CA ARG A 3 2.11 -8.53 6.22
C ARG A 3 2.78 -8.59 4.85
N CYS A 4 4.11 -8.61 4.84
CA CYS A 4 4.86 -8.66 3.60
C CYS A 4 5.18 -10.11 3.22
N PRO A 5 5.52 -10.33 1.94
CA PRO A 5 5.85 -11.66 1.43
C PRO A 5 7.19 -12.17 1.97
N LYS A 6 7.18 -12.65 3.20
CA LYS A 6 8.39 -13.17 3.83
C LYS A 6 9.53 -12.16 3.72
N SER A 7 9.38 -11.03 4.41
CA SER A 7 10.41 -9.99 4.39
C SER A 7 9.98 -8.81 5.26
N TRP A 8 10.77 -8.53 6.30
CA TRP A 8 10.47 -7.43 7.20
C TRP A 8 11.00 -6.11 6.63
N LYS A 9 10.42 -5.68 5.51
CA LYS A 9 10.82 -4.44 4.87
C LYS A 9 9.62 -3.55 4.62
N CYS A 10 8.81 -3.90 3.62
CA CYS A 10 7.62 -3.12 3.29
C CYS A 10 7.97 -1.65 3.10
N LYS A 11 8.60 -1.34 1.98
CA LYS A 11 8.99 0.04 1.67
C LYS A 11 7.80 0.99 1.82
N ALA A 12 7.98 2.01 2.64
CA ALA A 12 6.92 3.00 2.87
C ALA A 12 6.37 3.53 1.55
N PHE A 13 7.27 3.77 0.60
CA PHE A 13 6.88 4.29 -0.70
C PHE A 13 5.88 3.36 -1.38
N LYS A 14 6.33 2.16 -1.70
CA LYS A 14 5.47 1.17 -2.35
C LYS A 14 4.23 0.88 -1.50
N GLN A 15 4.39 0.97 -0.19
CA GLN A 15 3.29 0.72 0.73
C GLN A 15 2.14 1.68 0.48
N ARG A 16 2.47 2.96 0.34
CA ARG A 16 1.47 3.99 0.10
C ARG A 16 0.93 3.91 -1.32
N VAL A 17 1.84 3.77 -2.29
CA VAL A 17 1.45 3.68 -3.69
C VAL A 17 0.39 2.60 -3.89
N LEU A 18 0.56 1.48 -3.21
CA LEU A 18 -0.39 0.38 -3.31
C LEU A 18 -1.82 0.86 -3.08
N LYS A 19 -2.00 1.71 -2.09
CA LYS A 19 -3.31 2.25 -1.76
C LYS A 19 -3.64 3.45 -2.64
N ARG A 20 -2.61 4.25 -2.97
CA ARG A 20 -2.80 5.42 -3.80
C ARG A 20 -3.52 5.06 -5.10
N LEU A 21 -3.10 3.97 -5.73
CA LEU A 21 -3.70 3.51 -6.97
C LEU A 21 -5.20 3.37 -6.82
N LEU A 22 -5.64 2.98 -5.63
CA LEU A 22 -7.07 2.79 -5.36
C LEU A 22 -7.75 4.14 -5.15
N ALA A 23 -7.25 4.91 -4.19
CA ALA A 23 -7.83 6.22 -3.90
C ALA A 23 -7.97 7.05 -5.15
N MET A 24 -6.98 6.97 -6.04
CA MET A 24 -7.00 7.71 -7.29
C MET A 24 -7.92 7.05 -8.31
N LEU A 25 -7.89 5.71 -8.35
CA LEU A 25 -8.72 4.96 -9.28
C LEU A 25 -10.19 5.36 -9.15
N ARG A 26 -10.72 5.29 -7.94
CA ARG A 26 -12.10 5.65 -7.69
C ARG A 26 -12.20 6.68 -6.58
N GLN A 27 -12.05 6.23 -5.34
CA GLN A 27 -12.12 7.11 -4.19
C GLN A 27 -11.92 6.34 -2.88
N HIS A 28 -11.07 5.33 -2.93
CA HIS A 28 -10.79 4.50 -1.77
C HIS A 28 -10.39 5.38 -0.57
N ALA A 29 -10.77 4.93 0.63
CA ALA A 29 -10.46 5.67 1.84
C ALA A 29 -10.23 4.73 3.01
N PHE A 30 -9.61 5.24 4.07
CA PHE A 30 -9.34 4.44 5.26
C PHE A 30 -10.62 3.85 5.83
N GLY A 1 -0.36 -10.64 12.33
CA GLY A 1 0.80 -11.50 12.17
C GLY A 1 1.73 -11.00 11.09
N ILE A 2 1.70 -11.67 9.93
CA ILE A 2 2.56 -11.30 8.81
C ILE A 2 1.91 -10.21 7.96
N ARG A 3 2.72 -9.50 7.19
CA ARG A 3 2.22 -8.44 6.32
C ARG A 3 2.95 -8.44 4.98
N CYS A 4 4.26 -8.62 5.03
CA CYS A 4 5.08 -8.65 3.82
C CYS A 4 5.55 -10.07 3.51
N PRO A 5 5.95 -10.30 2.26
CA PRO A 5 6.43 -11.61 1.80
C PRO A 5 7.79 -11.96 2.39
N LYS A 6 7.78 -12.39 3.65
CA LYS A 6 9.01 -12.76 4.34
C LYS A 6 10.05 -11.66 4.24
N SER A 7 9.77 -10.52 4.88
CA SER A 7 10.68 -9.38 4.86
C SER A 7 10.10 -8.22 5.65
N TRP A 8 10.81 -7.83 6.71
CA TRP A 8 10.37 -6.72 7.55
C TRP A 8 10.78 -5.39 6.96
N LYS A 9 10.22 -5.06 5.80
CA LYS A 9 10.53 -3.81 5.12
C LYS A 9 9.25 -3.05 4.79
N CYS A 10 8.53 -3.52 3.78
CA CYS A 10 7.29 -2.88 3.36
C CYS A 10 7.49 -1.39 3.12
N LYS A 11 8.08 -1.05 1.97
CA LYS A 11 8.33 0.34 1.62
C LYS A 11 7.07 1.18 1.78
N ALA A 12 7.10 2.14 2.71
CA ALA A 12 5.96 3.01 2.95
C ALA A 12 5.47 3.64 1.65
N PHE A 13 6.40 4.04 0.80
CA PHE A 13 6.07 4.67 -0.48
C PHE A 13 5.22 3.73 -1.33
N LYS A 14 5.80 2.62 -1.75
CA LYS A 14 5.10 1.63 -2.57
C LYS A 14 3.80 1.19 -1.89
N GLN A 15 3.88 0.94 -0.59
CA GLN A 15 2.71 0.51 0.18
C GLN A 15 1.55 1.46 -0.04
N ARG A 16 1.82 2.76 0.06
CA ARG A 16 0.79 3.78 -0.12
C ARG A 16 0.35 3.87 -1.57
N VAL A 17 1.32 3.84 -2.48
CA VAL A 17 1.04 3.92 -3.91
C VAL A 17 0.01 2.87 -4.32
N LEU A 18 0.12 1.68 -3.75
CA LEU A 18 -0.80 0.60 -4.05
C LEU A 18 -2.25 1.05 -3.89
N LYS A 19 -2.52 1.78 -2.81
CA LYS A 19 -3.86 2.28 -2.54
C LYS A 19 -4.12 3.59 -3.27
N ARG A 20 -3.07 4.40 -3.42
CA ARG A 20 -3.19 5.67 -4.12
C ARG A 20 -3.80 5.49 -5.50
N LEU A 21 -3.33 4.47 -6.22
CA LEU A 21 -3.85 4.19 -7.56
C LEU A 21 -5.36 4.04 -7.55
N LEU A 22 -5.89 3.51 -6.45
CA LEU A 22 -7.33 3.32 -6.31
C LEU A 22 -8.02 4.64 -5.99
N ALA A 23 -7.60 5.27 -4.90
CA ALA A 23 -8.18 6.55 -4.49
C ALA A 23 -8.22 7.54 -5.64
N MET A 24 -7.17 7.55 -6.45
CA MET A 24 -7.09 8.44 -7.60
C MET A 24 -7.93 7.92 -8.75
N LEU A 25 -7.90 6.61 -8.96
CA LEU A 25 -8.66 5.99 -10.04
C LEU A 25 -10.13 6.39 -9.98
N ARG A 26 -10.75 6.17 -8.82
CA ARG A 26 -12.15 6.52 -8.63
C ARG A 26 -12.34 7.41 -7.41
N GLN A 27 -12.28 6.80 -6.23
CA GLN A 27 -12.44 7.54 -4.98
C GLN A 27 -12.34 6.61 -3.78
N HIS A 28 -11.49 5.59 -3.90
CA HIS A 28 -11.30 4.62 -2.82
C HIS A 28 -11.00 5.33 -1.51
N ALA A 29 -11.40 4.71 -0.40
CA ALA A 29 -11.17 5.28 0.92
C ALA A 29 -11.14 4.20 1.99
N PHE A 30 -10.23 4.36 2.96
CA PHE A 30 -10.09 3.38 4.04
C PHE A 30 -11.38 3.28 4.85
N GLY A 1 -2.93 -6.02 8.86
CA GLY A 1 -2.05 -4.99 8.37
C GLY A 1 -1.53 -5.28 6.97
N ILE A 2 -0.30 -4.86 6.70
CA ILE A 2 0.31 -5.08 5.40
C ILE A 2 0.99 -6.44 5.32
N ARG A 3 1.19 -6.94 4.11
CA ARG A 3 1.83 -8.23 3.90
C ARG A 3 2.95 -8.13 2.87
N CYS A 4 4.19 -8.07 3.34
CA CYS A 4 5.34 -7.98 2.46
C CYS A 4 5.87 -9.36 2.10
N PRO A 5 6.65 -9.42 1.00
CA PRO A 5 7.23 -10.68 0.53
C PRO A 5 8.32 -11.21 1.45
N LYS A 6 7.91 -11.81 2.56
CA LYS A 6 8.85 -12.36 3.53
C LYS A 6 9.88 -11.32 3.94
N SER A 7 9.42 -10.25 4.58
CA SER A 7 10.30 -9.18 5.02
C SER A 7 9.51 -8.08 5.73
N TRP A 8 9.81 -7.86 7.01
CA TRP A 8 9.13 -6.84 7.78
C TRP A 8 9.76 -5.47 7.56
N LYS A 9 9.65 -4.98 6.32
CA LYS A 9 10.21 -3.67 5.97
C LYS A 9 9.16 -2.81 5.27
N CYS A 10 8.88 -3.12 4.02
CA CYS A 10 7.91 -2.37 3.24
C CYS A 10 8.27 -0.90 3.18
N LYS A 11 9.05 -0.52 2.17
CA LYS A 11 9.46 0.86 2.01
C LYS A 11 8.27 1.81 2.05
N ALA A 12 8.48 3.01 2.58
CA ALA A 12 7.41 4.00 2.67
C ALA A 12 6.72 4.20 1.33
N PHE A 13 7.51 4.21 0.25
CA PHE A 13 6.98 4.39 -1.09
C PHE A 13 5.94 3.31 -1.41
N LYS A 14 6.40 2.06 -1.45
CA LYS A 14 5.52 0.95 -1.75
C LYS A 14 4.32 0.92 -0.80
N GLN A 15 4.57 1.24 0.47
CA GLN A 15 3.53 1.26 1.47
C GLN A 15 2.39 2.18 1.05
N ARG A 16 2.74 3.39 0.62
CA ARG A 16 1.74 4.37 0.19
C ARG A 16 1.12 3.96 -1.15
N VAL A 17 1.96 3.51 -2.08
CA VAL A 17 1.50 3.09 -3.39
C VAL A 17 0.35 2.09 -3.27
N LEU A 18 0.47 1.17 -2.31
CA LEU A 18 -0.55 0.16 -2.09
C LEU A 18 -1.93 0.79 -1.96
N LYS A 19 -2.02 1.88 -1.20
CA LYS A 19 -3.27 2.57 -1.00
C LYS A 19 -3.54 3.55 -2.15
N ARG A 20 -2.48 4.13 -2.68
CA ARG A 20 -2.61 5.08 -3.78
C ARG A 20 -3.42 4.47 -4.93
N LEU A 21 -3.12 3.22 -5.27
CA LEU A 21 -3.81 2.53 -6.35
C LEU A 21 -5.32 2.55 -6.13
N LEU A 22 -5.72 2.51 -4.86
CA LEU A 22 -7.15 2.54 -4.51
C LEU A 22 -7.71 3.95 -4.64
N ALA A 23 -7.11 4.88 -3.92
CA ALA A 23 -7.55 6.28 -3.94
C ALA A 23 -7.70 6.77 -5.38
N MET A 24 -6.76 6.38 -6.23
CA MET A 24 -6.78 6.79 -7.63
C MET A 24 -7.80 5.97 -8.41
N LEU A 25 -7.87 4.67 -8.12
CA LEU A 25 -8.81 3.78 -8.81
C LEU A 25 -10.23 4.34 -8.75
N ARG A 26 -10.71 4.62 -7.54
CA ARG A 26 -12.05 5.15 -7.35
C ARG A 26 -12.01 6.44 -6.53
N GLN A 27 -11.83 6.30 -5.22
CA GLN A 27 -11.78 7.45 -4.33
C GLN A 27 -11.57 7.02 -2.89
N HIS A 28 -10.81 5.94 -2.70
CA HIS A 28 -10.54 5.41 -1.37
C HIS A 28 -10.02 6.51 -0.45
N ALA A 29 -10.31 6.38 0.84
CA ALA A 29 -9.88 7.36 1.83
C ALA A 29 -10.12 6.87 3.24
N PHE A 30 -9.18 6.08 3.76
CA PHE A 30 -9.30 5.54 5.11
C PHE A 30 -9.31 6.66 6.15
N GLY A 1 -3.39 -6.78 10.91
CA GLY A 1 -2.28 -5.86 10.73
C GLY A 1 -1.56 -6.07 9.42
N ILE A 2 -0.49 -5.30 9.19
CA ILE A 2 0.28 -5.42 7.96
C ILE A 2 1.35 -6.49 8.08
N ARG A 3 1.83 -6.98 6.94
CA ARG A 3 2.85 -8.02 6.92
C ARG A 3 3.43 -8.17 5.52
N CYS A 4 4.69 -8.60 5.44
CA CYS A 4 5.36 -8.79 4.16
C CYS A 4 5.73 -10.26 3.97
N PRO A 5 5.98 -10.63 2.70
CA PRO A 5 6.35 -12.01 2.35
C PRO A 5 7.75 -12.37 2.84
N LYS A 6 7.86 -12.67 4.12
CA LYS A 6 9.14 -13.04 4.71
C LYS A 6 10.21 -12.01 4.38
N SER A 7 10.06 -10.81 4.92
CA SER A 7 11.01 -9.73 4.68
C SER A 7 10.59 -8.45 5.42
N TRP A 8 11.42 -8.01 6.33
CA TRP A 8 11.14 -6.80 7.10
C TRP A 8 11.54 -5.55 6.33
N LYS A 9 10.86 -5.31 5.21
CA LYS A 9 11.14 -4.16 4.37
C LYS A 9 9.87 -3.35 4.11
N CYS A 10 9.02 -3.88 3.24
CA CYS A 10 7.76 -3.21 2.90
C CYS A 10 8.01 -1.77 2.49
N LYS A 11 8.39 -1.57 1.23
CA LYS A 11 8.66 -0.24 0.71
C LYS A 11 7.49 0.70 0.99
N ALA A 12 7.73 1.67 1.87
CA ALA A 12 6.69 2.64 2.22
C ALA A 12 6.07 3.27 0.98
N PHE A 13 6.91 3.56 -0.01
CA PHE A 13 6.44 4.16 -1.25
C PHE A 13 5.44 3.26 -1.95
N LYS A 14 5.90 2.11 -2.42
CA LYS A 14 5.04 1.15 -3.10
C LYS A 14 3.84 0.79 -2.25
N GLN A 15 4.04 0.77 -0.94
CA GLN A 15 2.96 0.44 -0.01
C GLN A 15 1.81 1.43 -0.13
N ARG A 16 2.14 2.73 -0.10
CA ARG A 16 1.14 3.78 -0.21
C ARG A 16 0.58 3.86 -1.63
N VAL A 17 1.48 3.83 -2.61
CA VAL A 17 1.08 3.89 -4.01
C VAL A 17 0.01 2.85 -4.33
N LEU A 18 0.16 1.67 -3.78
CA LEU A 18 -0.80 0.59 -4.00
C LEU A 18 -2.22 1.06 -3.70
N LYS A 19 -2.38 1.79 -2.61
CA LYS A 19 -3.69 2.30 -2.21
C LYS A 19 -4.00 3.60 -2.94
N ARG A 20 -2.98 4.41 -3.20
CA ARG A 20 -3.15 5.67 -3.88
C ARG A 20 -3.89 5.48 -5.20
N LEU A 21 -3.48 4.46 -5.95
CA LEU A 21 -4.11 4.16 -7.24
C LEU A 21 -5.62 4.01 -7.09
N LEU A 22 -6.05 3.49 -5.95
CA LEU A 22 -7.47 3.30 -5.69
C LEU A 22 -8.14 4.63 -5.31
N ALA A 23 -7.62 5.27 -4.28
CA ALA A 23 -8.16 6.55 -3.82
C ALA A 23 -8.31 7.52 -4.99
N MET A 24 -7.33 7.52 -5.89
CA MET A 24 -7.36 8.41 -7.04
C MET A 24 -8.30 7.87 -8.12
N LEU A 25 -8.28 6.56 -8.31
CA LEU A 25 -9.13 5.91 -9.30
C LEU A 25 -10.59 6.33 -9.12
N ARG A 26 -11.11 6.12 -7.91
CA ARG A 26 -12.49 6.46 -7.61
C ARG A 26 -12.57 7.37 -6.39
N GLN A 27 -12.41 6.78 -5.20
CA GLN A 27 -12.46 7.53 -3.96
C GLN A 27 -12.25 6.62 -2.76
N HIS A 28 -11.41 5.60 -2.94
CA HIS A 28 -11.12 4.65 -1.87
C HIS A 28 -10.70 5.37 -0.60
N ALA A 29 -10.89 4.72 0.55
CA ALA A 29 -10.52 5.30 1.83
C ALA A 29 -9.43 4.50 2.51
N PHE A 30 -8.69 5.15 3.40
CA PHE A 30 -7.60 4.49 4.13
C PHE A 30 -8.10 3.23 4.82
N GLY A 1 -0.35 -15.12 8.55
CA GLY A 1 0.95 -15.64 8.14
C GLY A 1 2.08 -14.67 8.45
N ILE A 2 2.78 -14.23 7.41
CA ILE A 2 3.89 -13.30 7.57
C ILE A 2 3.40 -11.85 7.58
N ARG A 3 4.21 -10.97 8.13
CA ARG A 3 3.87 -9.55 8.20
C ARG A 3 4.02 -8.89 6.84
N CYS A 4 5.16 -9.14 6.19
CA CYS A 4 5.43 -8.57 4.87
C CYS A 4 5.42 -9.65 3.79
N PRO A 5 5.24 -9.23 2.54
CA PRO A 5 5.22 -10.15 1.39
C PRO A 5 6.59 -10.75 1.10
N LYS A 6 6.99 -11.72 1.92
CA LYS A 6 8.28 -12.39 1.74
C LYS A 6 9.40 -11.35 1.62
N SER A 7 9.58 -10.55 2.67
CA SER A 7 10.62 -9.53 2.68
C SER A 7 10.59 -8.74 3.99
N TRP A 8 11.68 -8.83 4.74
CA TRP A 8 11.79 -8.13 6.01
C TRP A 8 12.24 -6.69 5.81
N LYS A 9 11.43 -5.90 5.12
CA LYS A 9 11.75 -4.51 4.85
C LYS A 9 10.48 -3.66 4.73
N CYS A 10 9.79 -3.81 3.61
CA CYS A 10 8.56 -3.06 3.37
C CYS A 10 8.82 -1.57 3.41
N LYS A 11 9.38 -1.04 2.33
CA LYS A 11 9.68 0.38 2.23
C LYS A 11 8.46 1.22 2.56
N ALA A 12 8.68 2.33 3.27
CA ALA A 12 7.58 3.22 3.64
C ALA A 12 6.73 3.59 2.44
N PHE A 13 7.38 3.83 1.31
CA PHE A 13 6.68 4.18 0.08
C PHE A 13 5.65 3.13 -0.29
N LYS A 14 6.12 1.93 -0.58
CA LYS A 14 5.24 0.82 -0.94
C LYS A 14 4.19 0.58 0.13
N GLN A 15 4.61 0.67 1.39
CA GLN A 15 3.70 0.47 2.51
C GLN A 15 2.49 1.38 2.40
N ARG A 16 2.73 2.65 2.08
CA ARG A 16 1.66 3.63 1.94
C ARG A 16 0.85 3.38 0.67
N VAL A 17 1.56 3.11 -0.43
CA VAL A 17 0.91 2.87 -1.70
C VAL A 17 -0.16 1.79 -1.57
N LEU A 18 0.12 0.76 -0.78
CA LEU A 18 -0.82 -0.33 -0.58
C LEU A 18 -2.18 0.21 -0.17
N LYS A 19 -2.19 1.18 0.75
CA LYS A 19 -3.43 1.77 1.23
C LYS A 19 -3.89 2.88 0.29
N ARG A 20 -2.94 3.59 -0.30
CA ARG A 20 -3.25 4.68 -1.22
C ARG A 20 -4.21 4.20 -2.32
N LEU A 21 -3.92 3.03 -2.88
CA LEU A 21 -4.74 2.46 -3.94
C LEU A 21 -6.21 2.40 -3.51
N LEU A 22 -6.43 2.16 -2.22
CA LEU A 22 -7.77 2.06 -1.68
C LEU A 22 -8.39 3.44 -1.50
N ALA A 23 -7.71 4.29 -0.73
CA ALA A 23 -8.19 5.64 -0.49
C ALA A 23 -8.52 6.36 -1.80
N MET A 24 -7.70 6.14 -2.81
CA MET A 24 -7.91 6.76 -4.12
C MET A 24 -9.02 6.04 -4.88
N LEU A 25 -9.02 4.73 -4.82
CA LEU A 25 -10.04 3.93 -5.51
C LEU A 25 -11.44 4.42 -5.15
N ARG A 26 -11.75 4.44 -3.86
CA ARG A 26 -13.05 4.89 -3.39
C ARG A 26 -13.33 6.31 -3.85
N GLN A 27 -12.28 7.09 -4.05
CA GLN A 27 -12.42 8.47 -4.49
C GLN A 27 -12.30 8.57 -6.01
N HIS A 28 -12.85 7.59 -6.71
CA HIS A 28 -12.81 7.57 -8.16
C HIS A 28 -13.32 8.88 -8.74
N ALA A 29 -12.84 9.22 -9.93
CA ALA A 29 -13.25 10.46 -10.59
C ALA A 29 -13.48 10.24 -12.08
N PHE A 30 -14.32 11.08 -12.68
CA PHE A 30 -14.63 10.97 -14.10
C PHE A 30 -13.35 11.03 -14.94
N GLY A 1 7.85 -14.57 15.62
CA GLY A 1 7.07 -13.36 15.50
C GLY A 1 7.04 -12.83 14.07
N ILE A 2 5.98 -13.16 13.35
CA ILE A 2 5.83 -12.72 11.96
C ILE A 2 5.18 -11.34 11.90
N ARG A 3 5.38 -10.66 10.78
CA ARG A 3 4.80 -9.33 10.58
C ARG A 3 4.76 -8.97 9.10
N CYS A 4 5.84 -9.31 8.38
CA CYS A 4 5.94 -9.00 6.96
C CYS A 4 5.97 -10.30 6.14
N PRO A 5 5.64 -10.18 4.85
CA PRO A 5 5.62 -11.32 3.93
C PRO A 5 7.03 -11.84 3.63
N LYS A 6 7.61 -12.56 4.58
CA LYS A 6 8.95 -13.11 4.41
C LYS A 6 9.93 -12.03 3.97
N SER A 7 10.10 -11.01 4.79
CA SER A 7 11.00 -9.91 4.48
C SER A 7 10.99 -8.86 5.59
N TRP A 8 12.14 -8.67 6.23
CA TRP A 8 12.27 -7.71 7.30
C TRP A 8 12.53 -6.31 6.75
N LYS A 9 11.58 -5.77 6.00
CA LYS A 9 11.71 -4.44 5.42
C LYS A 9 10.35 -3.78 5.26
N CYS A 10 9.58 -4.23 4.28
CA CYS A 10 8.26 -3.68 4.02
C CYS A 10 8.34 -2.19 3.72
N LYS A 11 8.78 -1.87 2.50
CA LYS A 11 8.90 -0.47 2.09
C LYS A 11 7.61 0.29 2.34
N ALA A 12 7.62 1.17 3.33
CA ALA A 12 6.44 1.97 3.67
C ALA A 12 5.88 2.66 2.44
N PHE A 13 6.78 3.17 1.60
CA PHE A 13 6.37 3.87 0.38
C PHE A 13 5.57 2.94 -0.54
N LYS A 14 6.25 1.93 -1.07
CA LYS A 14 5.61 0.98 -1.97
C LYS A 14 4.35 0.40 -1.33
N GLN A 15 4.44 0.07 -0.05
CA GLN A 15 3.31 -0.49 0.67
C GLN A 15 2.08 0.41 0.56
N ARG A 16 2.30 1.72 0.75
CA ARG A 16 1.22 2.69 0.67
C ARG A 16 0.75 2.87 -0.77
N VAL A 17 1.71 2.99 -1.68
CA VAL A 17 1.39 3.16 -3.09
C VAL A 17 0.42 2.09 -3.58
N LEU A 18 0.60 0.87 -3.09
CA LEU A 18 -0.24 -0.25 -3.47
C LEU A 18 -1.72 0.09 -3.26
N LYS A 19 -2.02 0.73 -2.13
CA LYS A 19 -3.38 1.10 -1.80
C LYS A 19 -3.73 2.45 -2.42
N ARG A 20 -2.74 3.35 -2.49
CA ARG A 20 -2.94 4.67 -3.07
C ARG A 20 -3.55 4.57 -4.47
N LEU A 21 -3.02 3.66 -5.28
CA LEU A 21 -3.51 3.47 -6.63
C LEU A 21 -5.01 3.22 -6.64
N LEU A 22 -5.50 2.55 -5.61
CA LEU A 22 -6.93 2.25 -5.49
C LEU A 22 -7.71 3.48 -5.05
N ALA A 23 -7.33 4.03 -3.90
CA ALA A 23 -8.00 5.21 -3.36
C ALA A 23 -8.09 6.31 -4.42
N MET A 24 -7.03 6.48 -5.20
CA MET A 24 -7.00 7.49 -6.25
C MET A 24 -7.81 7.05 -7.46
N LEU A 25 -7.68 5.78 -7.83
CA LEU A 25 -8.42 5.24 -8.96
C LEU A 25 -9.91 5.52 -8.84
N ARG A 26 -10.43 5.40 -7.62
CA ARG A 26 -11.85 5.63 -7.36
C ARG A 26 -12.03 6.74 -6.33
N GLN A 27 -11.44 7.90 -6.60
CA GLN A 27 -11.53 9.04 -5.69
C GLN A 27 -12.66 9.97 -6.12
N HIS A 28 -13.66 9.43 -6.79
CA HIS A 28 -14.80 10.21 -7.25
C HIS A 28 -15.39 11.03 -6.10
N ALA A 29 -16.20 12.02 -6.46
CA ALA A 29 -16.84 12.87 -5.46
C ALA A 29 -18.01 13.64 -6.06
N PHE A 30 -19.13 13.64 -5.35
CA PHE A 30 -20.33 14.33 -5.82
C PHE A 30 -20.03 15.80 -6.12
N GLY A 1 5.74 -6.28 16.50
CA GLY A 1 5.41 -6.08 15.10
C GLY A 1 4.99 -7.37 14.41
N ILE A 2 4.33 -7.24 13.26
CA ILE A 2 3.88 -8.39 12.51
C ILE A 2 4.96 -8.89 11.57
N ARG A 3 4.86 -10.15 11.15
CA ARG A 3 5.84 -10.75 10.25
C ARG A 3 5.59 -10.30 8.81
N CYS A 4 6.67 -10.13 8.06
CA CYS A 4 6.58 -9.70 6.67
C CYS A 4 6.46 -10.91 5.73
N PRO A 5 5.95 -10.66 4.52
CA PRO A 5 5.78 -11.71 3.51
C PRO A 5 7.11 -12.21 2.96
N LYS A 6 7.81 -13.02 3.75
CA LYS A 6 9.09 -13.58 3.36
C LYS A 6 10.03 -12.48 2.87
N SER A 7 10.34 -11.53 3.76
CA SER A 7 11.22 -10.43 3.42
C SER A 7 11.39 -9.49 4.62
N TRP A 8 12.62 -9.38 5.10
CA TRP A 8 12.92 -8.51 6.23
C TRP A 8 13.15 -7.08 5.78
N LYS A 9 12.11 -6.46 5.23
CA LYS A 9 12.19 -5.09 4.76
C LYS A 9 10.84 -4.39 4.86
N CYS A 10 9.93 -4.74 3.95
CA CYS A 10 8.59 -4.15 3.94
C CYS A 10 8.67 -2.63 3.76
N LYS A 11 9.12 -2.20 2.59
CA LYS A 11 9.24 -0.79 2.29
C LYS A 11 7.94 -0.05 2.59
N ALA A 12 7.92 0.68 3.70
CA ALA A 12 6.74 1.43 4.10
C ALA A 12 6.22 2.30 2.96
N PHE A 13 7.15 2.92 2.23
CA PHE A 13 6.80 3.78 1.11
C PHE A 13 5.95 3.02 0.09
N LYS A 14 6.54 2.00 -0.52
CA LYS A 14 5.84 1.20 -1.51
C LYS A 14 4.59 0.56 -0.92
N GLN A 15 4.64 0.25 0.37
CA GLN A 15 3.51 -0.36 1.06
C GLN A 15 2.28 0.55 0.99
N ARG A 16 2.47 1.83 1.27
CA ARG A 16 1.38 2.79 1.24
C ARG A 16 0.96 3.09 -0.20
N VAL A 17 1.94 3.34 -1.06
CA VAL A 17 1.68 3.64 -2.45
C VAL A 17 0.77 2.58 -3.08
N LEU A 18 1.01 1.32 -2.73
CA LEU A 18 0.22 0.22 -3.26
C LEU A 18 -1.27 0.47 -3.05
N LYS A 19 -1.63 1.00 -1.88
CA LYS A 19 -3.02 1.29 -1.55
C LYS A 19 -3.43 2.65 -2.11
N ARG A 20 -2.49 3.60 -2.08
CA ARG A 20 -2.74 4.94 -2.58
C ARG A 20 -3.31 4.90 -4.00
N LEU A 21 -2.70 4.08 -4.84
CA LEU A 21 -3.14 3.94 -6.23
C LEU A 21 -4.62 3.61 -6.31
N LEU A 22 -5.10 2.85 -5.32
CA LEU A 22 -6.51 2.46 -5.27
C LEU A 22 -7.38 3.61 -4.78
N ALA A 23 -7.07 4.12 -3.60
CA ALA A 23 -7.82 5.23 -3.02
C ALA A 23 -7.94 6.38 -4.00
N MET A 24 -6.87 6.64 -4.73
CA MET A 24 -6.86 7.72 -5.72
C MET A 24 -7.63 7.32 -6.97
N LEU A 25 -7.41 6.08 -7.42
CA LEU A 25 -8.08 5.57 -8.61
C LEU A 25 -9.58 5.76 -8.52
N ARG A 26 -10.14 5.52 -7.33
CA ARG A 26 -11.57 5.66 -7.11
C ARG A 26 -11.85 6.81 -6.14
N GLN A 27 -11.28 7.97 -6.42
CA GLN A 27 -11.48 9.15 -5.58
C GLN A 27 -12.60 10.02 -6.11
N HIS A 28 -13.54 9.40 -6.82
CA HIS A 28 -14.67 10.13 -7.39
C HIS A 28 -15.37 10.97 -6.32
N ALA A 29 -16.20 11.91 -6.77
CA ALA A 29 -16.93 12.77 -5.85
C ALA A 29 -18.42 12.83 -6.21
N PHE A 30 -19.17 11.84 -5.74
CA PHE A 30 -20.60 11.77 -6.01
C PHE A 30 -21.29 13.09 -5.64
N GLY A 1 0.88 -9.15 13.80
CA GLY A 1 1.26 -7.96 13.06
C GLY A 1 1.38 -8.23 11.58
N ILE A 2 2.07 -7.33 10.88
CA ILE A 2 2.27 -7.47 9.43
C ILE A 2 3.49 -8.31 9.12
N ARG A 3 3.54 -8.88 7.92
CA ARG A 3 4.67 -9.70 7.51
C ARG A 3 4.82 -9.68 5.99
N CYS A 4 6.03 -9.38 5.53
CA CYS A 4 6.31 -9.32 4.10
C CYS A 4 6.56 -10.72 3.54
N PRO A 5 6.44 -10.86 2.21
CA PRO A 5 6.66 -12.13 1.53
C PRO A 5 8.12 -12.56 1.54
N LYS A 6 8.58 -13.09 2.67
CA LYS A 6 9.96 -13.53 2.80
C LYS A 6 10.93 -12.43 2.37
N SER A 7 10.96 -11.35 3.15
CA SER A 7 11.84 -10.23 2.85
C SER A 7 11.68 -9.12 3.89
N TRP A 8 12.76 -8.83 4.60
CA TRP A 8 12.73 -7.79 5.63
C TRP A 8 12.94 -6.41 5.01
N LYS A 9 11.99 -5.99 4.18
CA LYS A 9 12.07 -4.69 3.53
C LYS A 9 10.79 -3.88 3.78
N CYS A 10 9.72 -4.25 3.10
CA CYS A 10 8.44 -3.57 3.25
C CYS A 10 8.61 -2.06 3.05
N LYS A 11 8.96 -1.67 1.82
CA LYS A 11 9.15 -0.26 1.51
C LYS A 11 7.94 0.57 1.95
N ALA A 12 8.17 1.48 2.89
CA ALA A 12 7.10 2.34 3.40
C ALA A 12 6.37 3.02 2.26
N PHE A 13 7.12 3.50 1.26
CA PHE A 13 6.53 4.17 0.12
C PHE A 13 5.50 3.28 -0.58
N LYS A 14 5.96 2.15 -1.09
CA LYS A 14 5.09 1.21 -1.78
C LYS A 14 3.98 0.72 -0.85
N GLN A 15 4.29 0.64 0.44
CA GLN A 15 3.32 0.18 1.43
C GLN A 15 2.09 1.10 1.46
N ARG A 16 2.35 2.41 1.43
CA ARG A 16 1.27 3.39 1.45
C ARG A 16 0.55 3.44 0.10
N VAL A 17 1.34 3.49 -0.97
CA VAL A 17 0.78 3.55 -2.32
C VAL A 17 -0.24 2.44 -2.54
N LEU A 18 0.09 1.24 -2.06
CA LEU A 18 -0.81 0.09 -2.20
C LEU A 18 -2.20 0.42 -1.69
N LYS A 19 -2.27 1.06 -0.53
CA LYS A 19 -3.54 1.44 0.07
C LYS A 19 -4.10 2.69 -0.60
N ARG A 20 -3.23 3.60 -0.97
CA ARG A 20 -3.63 4.85 -1.62
C ARG A 20 -4.51 4.56 -2.84
N LEU A 21 -4.11 3.59 -3.64
CA LEU A 21 -4.86 3.21 -4.83
C LEU A 21 -6.30 2.90 -4.49
N LEU A 22 -6.51 2.34 -3.30
CA LEU A 22 -7.85 1.98 -2.85
C LEU A 22 -8.62 3.21 -2.38
N ALA A 23 -8.04 3.92 -1.40
CA ALA A 23 -8.66 5.13 -0.87
C ALA A 23 -9.06 6.08 -1.98
N MET A 24 -8.20 6.20 -2.99
CA MET A 24 -8.46 7.08 -4.12
C MET A 24 -9.49 6.47 -5.07
N LEU A 25 -9.34 5.17 -5.32
CA LEU A 25 -10.27 4.46 -6.21
C LEU A 25 -11.71 4.69 -5.78
N ARG A 26 -11.96 4.68 -4.48
CA ARG A 26 -13.29 4.88 -3.94
C ARG A 26 -13.92 6.15 -4.52
N GLN A 27 -13.08 7.13 -4.84
CA GLN A 27 -13.55 8.39 -5.40
C GLN A 27 -12.44 9.10 -6.16
N HIS A 28 -12.03 8.53 -7.29
CA HIS A 28 -10.96 9.12 -8.09
C HIS A 28 -11.25 10.58 -8.40
N ALA A 29 -10.20 11.37 -8.58
CA ALA A 29 -10.35 12.79 -8.87
C ALA A 29 -10.71 13.01 -10.34
N PHE A 30 -11.96 12.75 -10.68
CA PHE A 30 -12.44 12.92 -12.05
C PHE A 30 -12.09 14.31 -12.57
N GLY A 1 6.49 -7.02 14.56
CA GLY A 1 6.69 -6.76 13.14
C GLY A 1 5.38 -6.64 12.39
N ILE A 2 5.42 -5.99 11.23
CA ILE A 2 4.23 -5.82 10.42
C ILE A 2 4.01 -7.01 9.48
N ARG A 3 2.79 -7.18 9.01
CA ARG A 3 2.46 -8.28 8.12
C ARG A 3 2.77 -7.90 6.67
N CYS A 4 3.89 -8.41 6.16
CA CYS A 4 4.30 -8.13 4.79
C CYS A 4 4.34 -9.42 3.95
N PRO A 5 4.29 -9.26 2.63
CA PRO A 5 4.31 -10.39 1.70
C PRO A 5 5.68 -11.08 1.66
N LYS A 6 5.98 -11.86 2.69
CA LYS A 6 7.24 -12.57 2.78
C LYS A 6 8.42 -11.62 2.56
N SER A 7 8.53 -10.62 3.42
CA SER A 7 9.61 -9.64 3.32
C SER A 7 9.50 -8.59 4.43
N TRP A 8 10.51 -8.55 5.28
CA TRP A 8 10.53 -7.60 6.40
C TRP A 8 11.07 -6.24 5.94
N LYS A 9 10.35 -5.60 5.03
CA LYS A 9 10.75 -4.29 4.51
C LYS A 9 9.54 -3.47 4.11
N CYS A 10 8.92 -3.84 2.98
CA CYS A 10 7.75 -3.13 2.48
C CYS A 10 8.07 -1.65 2.23
N LYS A 11 8.55 -1.35 1.03
CA LYS A 11 8.89 0.02 0.66
C LYS A 11 7.74 0.96 0.95
N ALA A 12 7.99 1.98 1.76
CA ALA A 12 6.97 2.95 2.11
C ALA A 12 6.29 3.51 0.87
N PHE A 13 7.08 3.82 -0.15
CA PHE A 13 6.56 4.36 -1.40
C PHE A 13 5.54 3.40 -2.01
N LYS A 14 6.00 2.22 -2.41
CA LYS A 14 5.13 1.22 -3.01
C LYS A 14 3.95 0.91 -2.10
N GLN A 15 4.17 1.00 -0.80
CA GLN A 15 3.13 0.73 0.19
C GLN A 15 1.97 1.71 0.04
N ARG A 16 2.31 2.99 -0.12
CA ARG A 16 1.29 4.03 -0.27
C ARG A 16 0.73 4.03 -1.68
N VAL A 17 1.63 4.03 -2.67
CA VAL A 17 1.21 4.03 -4.07
C VAL A 17 0.20 2.93 -4.35
N LEU A 18 0.42 1.76 -3.74
CA LEU A 18 -0.48 0.63 -3.93
C LEU A 18 -1.92 1.01 -3.62
N LYS A 19 -2.11 1.76 -2.54
CA LYS A 19 -3.44 2.20 -2.13
C LYS A 19 -3.86 3.44 -2.90
N ARG A 20 -2.90 4.31 -3.18
CA ARG A 20 -3.17 5.55 -3.91
C ARG A 20 -3.89 5.25 -5.23
N LEU A 21 -3.41 4.24 -5.95
CA LEU A 21 -4.01 3.85 -7.21
C LEU A 21 -5.51 3.58 -7.05
N LEU A 22 -5.89 3.07 -5.89
CA LEU A 22 -7.29 2.77 -5.61
C LEU A 22 -8.06 4.05 -5.29
N ALA A 23 -7.60 4.77 -4.27
CA ALA A 23 -8.24 6.02 -3.87
C ALA A 23 -8.47 6.94 -5.06
N MET A 24 -7.50 6.99 -5.96
CA MET A 24 -7.60 7.82 -7.15
C MET A 24 -8.49 7.17 -8.20
N LEU A 25 -8.36 5.86 -8.34
CA LEU A 25 -9.17 5.12 -9.32
C LEU A 25 -10.65 5.42 -9.14
N ARG A 26 -11.15 5.19 -7.92
CA ARG A 26 -12.55 5.45 -7.63
C ARG A 26 -12.69 6.38 -6.43
N GLN A 27 -12.49 5.85 -5.23
CA GLN A 27 -12.60 6.64 -4.01
C GLN A 27 -12.31 5.78 -2.78
N HIS A 28 -11.40 4.83 -2.93
CA HIS A 28 -11.04 3.94 -1.83
C HIS A 28 -10.67 4.75 -0.58
N ALA A 29 -10.96 4.17 0.58
CA ALA A 29 -10.66 4.83 1.85
C ALA A 29 -9.32 4.37 2.40
N PHE A 30 -8.81 5.11 3.39
CA PHE A 30 -7.53 4.78 4.01
C PHE A 30 -7.61 3.45 4.75
N GLY A 1 9.80 -8.46 13.08
CA GLY A 1 9.47 -7.49 12.04
C GLY A 1 8.01 -7.53 11.65
N ILE A 2 7.67 -6.88 10.54
CA ILE A 2 6.30 -6.84 10.07
C ILE A 2 5.99 -8.05 9.19
N ARG A 3 4.70 -8.37 9.06
CA ARG A 3 4.26 -9.50 8.26
C ARG A 3 4.34 -9.16 6.77
N CYS A 4 5.41 -9.62 6.12
CA CYS A 4 5.59 -9.36 4.70
C CYS A 4 5.66 -10.67 3.92
N PRO A 5 5.43 -10.60 2.59
CA PRO A 5 5.47 -11.77 1.71
C PRO A 5 6.89 -12.30 1.53
N LYS A 6 7.37 -13.03 2.53
CA LYS A 6 8.71 -13.61 2.49
C LYS A 6 9.75 -12.56 2.15
N SER A 7 9.89 -11.57 3.04
CA SER A 7 10.85 -10.49 2.83
C SER A 7 10.80 -9.50 3.98
N TRP A 8 11.92 -9.37 4.69
CA TRP A 8 12.00 -8.46 5.83
C TRP A 8 12.31 -7.04 5.35
N LYS A 9 11.39 -6.45 4.60
CA LYS A 9 11.57 -5.10 4.09
C LYS A 9 10.34 -4.24 4.38
N CYS A 10 9.27 -4.48 3.63
CA CYS A 10 8.02 -3.73 3.81
C CYS A 10 8.26 -2.24 3.62
N LYS A 11 8.66 -1.85 2.42
CA LYS A 11 8.92 -0.45 2.12
C LYS A 11 7.73 0.43 2.52
N ALA A 12 8.00 1.40 3.39
CA ALA A 12 6.96 2.31 3.86
C ALA A 12 6.19 2.91 2.68
N PHE A 13 6.92 3.27 1.62
CA PHE A 13 6.31 3.85 0.43
C PHE A 13 5.28 2.90 -0.18
N LYS A 14 5.78 1.78 -0.71
CA LYS A 14 4.93 0.79 -1.33
C LYS A 14 3.82 0.34 -0.37
N GLN A 15 4.09 0.44 0.92
CA GLN A 15 3.12 0.05 1.93
C GLN A 15 1.90 0.98 1.92
N ARG A 16 2.16 2.28 2.05
CA ARG A 16 1.08 3.27 2.05
C ARG A 16 0.48 3.41 0.66
N VAL A 17 1.33 3.38 -0.37
CA VAL A 17 0.88 3.49 -1.74
C VAL A 17 -0.07 2.36 -2.11
N LEU A 18 0.23 1.17 -1.61
CA LEU A 18 -0.59 0.00 -1.90
C LEU A 18 -2.03 0.23 -1.45
N LYS A 19 -2.20 0.90 -0.32
CA LYS A 19 -3.53 1.19 0.22
C LYS A 19 -4.10 2.46 -0.41
N ARG A 20 -3.25 3.45 -0.61
CA ARG A 20 -3.68 4.72 -1.20
C ARG A 20 -4.38 4.48 -2.54
N LEU A 21 -3.81 3.61 -3.35
CA LEU A 21 -4.39 3.29 -4.65
C LEU A 21 -5.84 2.83 -4.51
N LEU A 22 -6.13 2.16 -3.41
CA LEU A 22 -7.48 1.67 -3.15
C LEU A 22 -8.39 2.80 -2.68
N ALA A 23 -8.00 3.47 -1.60
CA ALA A 23 -8.78 4.58 -1.06
C ALA A 23 -9.12 5.59 -2.15
N MET A 24 -8.16 5.85 -3.03
CA MET A 24 -8.37 6.80 -4.12
C MET A 24 -9.22 6.18 -5.23
N LEU A 25 -8.95 4.92 -5.55
CA LEU A 25 -9.68 4.22 -6.59
C LEU A 25 -11.19 4.30 -6.34
N ARG A 26 -11.57 4.17 -5.08
CA ARG A 26 -12.98 4.23 -4.70
C ARG A 26 -13.65 5.49 -5.25
N GLN A 27 -12.85 6.55 -5.39
CA GLN A 27 -13.35 7.81 -5.89
C GLN A 27 -12.22 8.69 -6.41
N HIS A 28 -11.64 8.30 -7.54
CA HIS A 28 -10.53 9.05 -8.13
C HIS A 28 -10.90 10.52 -8.28
N ALA A 29 -9.89 11.36 -8.50
CA ALA A 29 -10.10 12.79 -8.67
C ALA A 29 -10.75 13.10 -10.02
N PHE A 30 -12.07 13.19 -10.03
CA PHE A 30 -12.81 13.48 -11.25
C PHE A 30 -12.28 14.73 -11.92
N GLY A 1 0.64 -14.13 10.96
CA GLY A 1 -0.02 -13.13 10.14
C GLY A 1 0.93 -12.04 9.68
N ILE A 2 1.63 -12.30 8.58
CA ILE A 2 2.58 -11.33 8.03
C ILE A 2 1.88 -10.36 7.10
N ARG A 3 2.52 -9.20 6.88
CA ARG A 3 1.96 -8.18 6.00
C ARG A 3 2.58 -8.27 4.61
N CYS A 4 3.90 -8.47 4.57
CA CYS A 4 4.62 -8.57 3.31
C CYS A 4 4.87 -10.03 2.93
N PRO A 5 5.15 -10.28 1.65
CA PRO A 5 5.43 -11.62 1.14
C PRO A 5 6.76 -12.17 1.64
N LYS A 6 6.78 -12.63 2.88
CA LYS A 6 7.99 -13.19 3.46
C LYS A 6 9.16 -12.22 3.32
N SER A 7 9.07 -11.08 4.00
CA SER A 7 10.13 -10.07 3.94
C SER A 7 9.77 -8.87 4.81
N TRP A 8 10.60 -8.61 5.82
CA TRP A 8 10.37 -7.49 6.72
C TRP A 8 10.92 -6.20 6.13
N LYS A 9 10.32 -5.76 5.02
CA LYS A 9 10.74 -4.54 4.35
C LYS A 9 9.56 -3.60 4.13
N CYS A 10 8.72 -3.94 3.17
CA CYS A 10 7.54 -3.12 2.85
C CYS A 10 7.93 -1.66 2.65
N LYS A 11 8.45 -1.36 1.46
CA LYS A 11 8.86 -0.01 1.12
C LYS A 11 7.74 0.99 1.42
N ALA A 12 8.02 1.95 2.29
CA ALA A 12 7.04 2.96 2.65
C ALA A 12 6.45 3.62 1.42
N PHE A 13 7.30 3.95 0.44
CA PHE A 13 6.86 4.59 -0.79
C PHE A 13 5.79 3.74 -1.48
N LYS A 14 6.18 2.53 -1.90
CA LYS A 14 5.27 1.62 -2.58
C LYS A 14 4.02 1.38 -1.73
N GLN A 15 4.21 1.32 -0.42
CA GLN A 15 3.10 1.09 0.50
C GLN A 15 2.03 2.16 0.36
N ARG A 16 2.46 3.42 0.27
CA ARG A 16 1.54 4.54 0.11
C ARG A 16 0.97 4.58 -1.30
N VAL A 17 1.84 4.41 -2.29
CA VAL A 17 1.42 4.44 -3.69
C VAL A 17 0.26 3.49 -3.93
N LEU A 18 0.32 2.30 -3.32
CA LEU A 18 -0.72 1.30 -3.46
C LEU A 18 -2.10 1.89 -3.16
N LYS A 19 -2.17 2.66 -2.06
CA LYS A 19 -3.41 3.29 -1.66
C LYS A 19 -3.67 4.57 -2.47
N ARG A 20 -2.60 5.28 -2.80
CA ARG A 20 -2.71 6.51 -3.57
C ARG A 20 -3.51 6.28 -4.84
N LEU A 21 -3.20 5.19 -5.54
CA LEU A 21 -3.89 4.86 -6.78
C LEU A 21 -5.40 4.83 -6.58
N LEU A 22 -5.83 4.41 -5.40
CA LEU A 22 -7.25 4.34 -5.07
C LEU A 22 -7.80 5.74 -4.77
N ALA A 23 -7.21 6.39 -3.79
CA ALA A 23 -7.64 7.73 -3.39
C ALA A 23 -7.74 8.65 -4.61
N MET A 24 -6.78 8.52 -5.52
CA MET A 24 -6.76 9.34 -6.73
C MET A 24 -7.77 8.84 -7.75
N LEU A 25 -7.88 7.52 -7.86
CA LEU A 25 -8.82 6.91 -8.80
C LEU A 25 -10.23 7.44 -8.58
N ARG A 26 -10.80 7.14 -7.41
CA ARG A 26 -12.14 7.59 -7.06
C ARG A 26 -12.24 7.90 -5.57
N GLN A 27 -12.36 6.86 -4.76
CA GLN A 27 -12.47 7.03 -3.32
C GLN A 27 -12.60 5.68 -2.61
N HIS A 28 -11.93 4.67 -3.16
CA HIS A 28 -11.97 3.33 -2.59
C HIS A 28 -11.58 3.36 -1.12
N ALA A 29 -12.15 2.45 -0.34
CA ALA A 29 -11.86 2.35 1.08
C ALA A 29 -11.22 1.02 1.43
N PHE A 30 -9.89 0.96 1.36
CA PHE A 30 -9.16 -0.26 1.67
C PHE A 30 -9.52 -0.78 3.07
N GLY A 1 0.86 -12.88 13.24
CA GLY A 1 0.44 -11.66 12.56
C GLY A 1 1.54 -11.07 11.72
N ILE A 2 1.79 -11.65 10.56
CA ILE A 2 2.83 -11.16 9.67
C ILE A 2 2.30 -10.07 8.74
N ARG A 3 3.20 -9.26 8.20
CA ARG A 3 2.83 -8.19 7.30
C ARG A 3 3.40 -8.41 5.90
N CYS A 4 4.73 -8.51 5.84
CA CYS A 4 5.42 -8.72 4.56
C CYS A 4 5.83 -10.18 4.40
N PRO A 5 6.10 -10.58 3.16
CA PRO A 5 6.51 -11.95 2.84
C PRO A 5 7.92 -12.27 3.34
N LYS A 6 8.03 -12.53 4.64
CA LYS A 6 9.32 -12.83 5.25
C LYS A 6 10.36 -11.78 4.90
N SER A 7 10.16 -10.57 5.40
CA SER A 7 11.08 -9.47 5.14
C SER A 7 10.62 -8.19 5.83
N TRP A 8 11.44 -7.69 6.74
CA TRP A 8 11.11 -6.48 7.48
C TRP A 8 11.48 -5.23 6.66
N LYS A 9 10.80 -5.05 5.54
CA LYS A 9 11.05 -3.90 4.68
C LYS A 9 9.76 -3.15 4.38
N CYS A 10 8.92 -3.72 3.52
CA CYS A 10 7.65 -3.11 3.15
C CYS A 10 7.86 -1.67 2.70
N LYS A 11 8.28 -1.50 1.45
CA LYS A 11 8.51 -0.18 0.89
C LYS A 11 7.30 0.73 1.11
N ALA A 12 7.44 1.69 2.02
CA ALA A 12 6.35 2.62 2.32
C ALA A 12 5.81 3.26 1.04
N PHE A 13 6.71 3.61 0.13
CA PHE A 13 6.31 4.23 -1.13
C PHE A 13 5.36 3.32 -1.91
N LYS A 14 5.86 2.17 -2.32
CA LYS A 14 5.06 1.21 -3.07
C LYS A 14 3.78 0.87 -2.32
N GLN A 15 3.91 0.63 -1.01
CA GLN A 15 2.77 0.29 -0.18
C GLN A 15 1.67 1.34 -0.30
N ARG A 16 2.08 2.62 -0.38
CA ARG A 16 1.13 3.71 -0.49
C ARG A 16 0.59 3.82 -1.91
N VAL A 17 1.49 3.72 -2.90
CA VAL A 17 1.11 3.79 -4.30
C VAL A 17 -0.03 2.83 -4.61
N LEU A 18 0.05 1.62 -4.06
CA LEU A 18 -0.97 0.60 -4.29
C LEU A 18 -2.36 1.16 -3.97
N LYS A 19 -2.48 1.86 -2.86
CA LYS A 19 -3.75 2.46 -2.46
C LYS A 19 -4.02 3.75 -3.21
N ARG A 20 -2.96 4.50 -3.49
CA ARG A 20 -3.08 5.76 -4.20
C ARG A 20 -3.83 5.57 -5.52
N LEU A 21 -3.49 4.52 -6.25
CA LEU A 21 -4.14 4.21 -7.51
C LEU A 21 -5.66 4.14 -7.35
N LEU A 22 -6.10 3.67 -6.20
CA LEU A 22 -7.52 3.54 -5.92
C LEU A 22 -8.12 4.90 -5.57
N ALA A 23 -7.57 5.54 -4.55
CA ALA A 23 -8.06 6.85 -4.12
C ALA A 23 -8.17 7.81 -5.30
N MET A 24 -7.20 7.75 -6.21
CA MET A 24 -7.20 8.61 -7.39
C MET A 24 -8.16 8.09 -8.44
N LEU A 25 -8.21 6.77 -8.60
CA LEU A 25 -9.10 6.15 -9.58
C LEU A 25 -10.54 6.62 -9.39
N ARG A 26 -11.05 6.46 -8.18
CA ARG A 26 -12.42 6.88 -7.86
C ARG A 26 -12.44 7.81 -6.66
N GLN A 27 -12.29 7.24 -5.46
CA GLN A 27 -12.30 8.02 -4.23
C GLN A 27 -12.12 7.12 -3.02
N HIS A 28 -11.33 6.06 -3.18
CA HIS A 28 -11.07 5.12 -2.10
C HIS A 28 -10.62 5.85 -0.84
N ALA A 29 -10.92 5.28 0.32
CA ALA A 29 -10.54 5.87 1.59
C ALA A 29 -10.63 4.85 2.72
N PHE A 30 -10.18 5.25 3.91
CA PHE A 30 -10.20 4.38 5.07
C PHE A 30 -11.61 3.85 5.32
N GLY A 1 3.85 -7.36 14.41
CA GLY A 1 3.49 -6.15 13.69
C GLY A 1 2.97 -6.44 12.30
N ILE A 2 3.74 -6.05 11.29
CA ILE A 2 3.35 -6.27 9.90
C ILE A 2 3.80 -7.65 9.42
N ARG A 3 3.16 -8.13 8.36
CA ARG A 3 3.49 -9.45 7.80
C ARG A 3 3.71 -9.35 6.29
N CYS A 4 4.94 -9.60 5.86
CA CYS A 4 5.30 -9.54 4.45
C CYS A 4 5.48 -10.94 3.88
N PRO A 5 5.40 -11.05 2.55
CA PRO A 5 5.56 -12.33 1.85
C PRO A 5 6.99 -12.85 1.91
N LYS A 6 7.37 -13.42 3.04
CA LYS A 6 8.71 -13.95 3.22
C LYS A 6 9.76 -12.91 2.86
N SER A 7 9.89 -11.88 3.69
CA SER A 7 10.86 -10.82 3.46
C SER A 7 10.79 -9.76 4.56
N TRP A 8 11.88 -9.61 5.29
CA TRP A 8 11.94 -8.63 6.37
C TRP A 8 12.28 -7.24 5.84
N LYS A 9 11.36 -6.70 5.05
CA LYS A 9 11.55 -5.36 4.47
C LYS A 9 10.32 -4.49 4.69
N CYS A 10 9.26 -4.78 3.93
CA CYS A 10 8.01 -4.02 4.04
C CYS A 10 8.28 -2.52 3.93
N LYS A 11 8.84 -2.10 2.80
CA LYS A 11 9.15 -0.69 2.57
C LYS A 11 7.92 0.17 2.84
N ALA A 12 8.05 1.11 3.78
CA ALA A 12 6.96 2.01 4.13
C ALA A 12 6.39 2.68 2.88
N PHE A 13 7.27 3.09 1.97
CA PHE A 13 6.85 3.75 0.74
C PHE A 13 5.96 2.83 -0.08
N LYS A 14 6.55 1.76 -0.60
CA LYS A 14 5.82 0.79 -1.42
C LYS A 14 4.56 0.33 -0.71
N GLN A 15 4.64 0.23 0.62
CA GLN A 15 3.49 -0.20 1.42
C GLN A 15 2.33 0.76 1.28
N ARG A 16 2.63 2.06 1.36
CA ARG A 16 1.60 3.08 1.24
C ARG A 16 1.14 3.24 -0.21
N VAL A 17 2.11 3.34 -1.12
CA VAL A 17 1.82 3.49 -2.54
C VAL A 17 0.84 2.41 -3.01
N LEU A 18 1.05 1.20 -2.54
CA LEU A 18 0.19 0.08 -2.92
C LEU A 18 -1.27 0.41 -2.68
N LYS A 19 -1.56 1.05 -1.55
CA LYS A 19 -2.92 1.43 -1.20
C LYS A 19 -3.30 2.75 -1.87
N ARG A 20 -2.33 3.66 -1.98
CA ARG A 20 -2.58 4.96 -2.59
C ARG A 20 -3.19 4.80 -3.98
N LEU A 21 -2.65 3.88 -4.76
CA LEU A 21 -3.15 3.62 -6.11
C LEU A 21 -4.64 3.34 -6.09
N LEU A 22 -5.11 2.69 -5.02
CA LEU A 22 -6.53 2.36 -4.88
C LEU A 22 -7.33 3.59 -4.47
N ALA A 23 -6.95 4.20 -3.37
CA ALA A 23 -7.63 5.39 -2.87
C ALA A 23 -7.76 6.44 -3.96
N MET A 24 -6.72 6.59 -4.77
CA MET A 24 -6.71 7.56 -5.85
C MET A 24 -7.55 7.06 -7.03
N LEU A 25 -7.41 5.79 -7.35
CA LEU A 25 -8.16 5.19 -8.45
C LEU A 25 -9.66 5.34 -8.23
N ARG A 26 -10.10 5.18 -7.00
CA ARG A 26 -11.51 5.30 -6.66
C ARG A 26 -11.84 6.71 -6.20
N GLN A 27 -11.27 7.70 -6.89
CA GLN A 27 -11.50 9.10 -6.55
C GLN A 27 -12.62 9.69 -7.40
N HIS A 28 -13.50 8.83 -7.90
CA HIS A 28 -14.61 9.26 -8.73
C HIS A 28 -15.39 10.37 -8.05
N ALA A 29 -15.96 11.28 -8.85
CA ALA A 29 -16.73 12.38 -8.31
C ALA A 29 -18.06 11.90 -7.72
N PHE A 30 -18.11 11.86 -6.39
CA PHE A 30 -19.32 11.41 -5.69
C PHE A 30 -20.52 12.26 -6.10
N GLY A 1 3.39 -12.24 14.52
CA GLY A 1 3.27 -10.84 14.14
C GLY A 1 3.87 -10.57 12.77
N ILE A 2 3.18 -11.04 11.73
CA ILE A 2 3.65 -10.84 10.36
C ILE A 2 3.18 -9.50 9.81
N ARG A 3 3.87 -9.01 8.78
CA ARG A 3 3.52 -7.74 8.15
C ARG A 3 3.74 -7.79 6.65
N CYS A 4 4.93 -8.23 6.25
CA CYS A 4 5.29 -8.33 4.84
C CYS A 4 5.54 -9.78 4.44
N PRO A 5 5.47 -10.05 3.13
CA PRO A 5 5.69 -11.40 2.59
C PRO A 5 7.14 -11.84 2.70
N LYS A 6 7.55 -12.25 3.90
CA LYS A 6 8.91 -12.70 4.14
C LYS A 6 9.92 -11.65 3.65
N SER A 7 9.94 -10.50 4.31
CA SER A 7 10.86 -9.42 3.93
C SER A 7 10.67 -8.22 4.84
N TRP A 8 11.71 -7.87 5.57
CA TRP A 8 11.66 -6.72 6.49
C TRP A 8 11.93 -5.43 5.73
N LYS A 9 11.01 -5.07 4.84
CA LYS A 9 11.14 -3.85 4.06
C LYS A 9 9.87 -3.01 4.15
N CYS A 10 8.83 -3.44 3.46
CA CYS A 10 7.55 -2.73 3.47
C CYS A 10 7.75 -1.25 3.13
N LYS A 11 8.25 -1.00 1.93
CA LYS A 11 8.48 0.37 1.48
C LYS A 11 7.24 1.23 1.67
N ALA A 12 7.36 2.26 2.51
CA ALA A 12 6.24 3.15 2.79
C ALA A 12 5.63 3.68 1.48
N PHE A 13 6.50 4.03 0.53
CA PHE A 13 6.04 4.55 -0.75
C PHE A 13 5.16 3.54 -1.47
N LYS A 14 5.75 2.41 -1.82
CA LYS A 14 5.02 1.35 -2.52
C LYS A 14 3.75 0.97 -1.75
N GLN A 15 3.88 0.80 -0.44
CA GLN A 15 2.74 0.44 0.40
C GLN A 15 1.60 1.42 0.20
N ARG A 16 1.92 2.71 0.15
CA ARG A 16 0.91 3.74 -0.04
C ARG A 16 0.36 3.72 -1.45
N VAL A 17 1.26 3.62 -2.43
CA VAL A 17 0.87 3.60 -3.84
C VAL A 17 -0.19 2.53 -4.09
N LEU A 18 -0.06 1.40 -3.42
CA LEU A 18 -1.00 0.30 -3.56
C LEU A 18 -2.43 0.77 -3.32
N LYS A 19 -2.61 1.56 -2.27
CA LYS A 19 -3.94 2.09 -1.93
C LYS A 19 -4.25 3.34 -2.75
N ARG A 20 -3.23 4.13 -3.03
CA ARG A 20 -3.39 5.36 -3.80
C ARG A 20 -4.10 5.07 -5.13
N LEU A 21 -3.68 4.00 -5.80
CA LEU A 21 -4.27 3.61 -7.08
C LEU A 21 -5.78 3.46 -6.95
N LEU A 22 -6.23 3.02 -5.79
CA LEU A 22 -7.65 2.82 -5.54
C LEU A 22 -8.34 4.16 -5.26
N ALA A 23 -7.85 4.88 -4.26
CA ALA A 23 -8.42 6.18 -3.90
C ALA A 23 -8.55 7.08 -5.13
N MET A 24 -7.55 7.02 -6.01
CA MET A 24 -7.56 7.83 -7.22
C MET A 24 -8.47 7.21 -8.28
N LEU A 25 -8.44 5.89 -8.38
CA LEU A 25 -9.26 5.18 -9.35
C LEU A 25 -10.73 5.59 -9.22
N ARG A 26 -11.27 5.44 -8.02
CA ARG A 26 -12.67 5.80 -7.76
C ARG A 26 -12.77 6.78 -6.59
N GLN A 27 -12.63 6.27 -5.38
CA GLN A 27 -12.72 7.10 -4.18
C GLN A 27 -12.51 6.26 -2.93
N HIS A 28 -11.67 5.25 -3.02
CA HIS A 28 -11.40 4.36 -1.89
C HIS A 28 -11.01 5.18 -0.65
N ALA A 29 -11.34 4.65 0.52
CA ALA A 29 -11.03 5.32 1.78
C ALA A 29 -9.52 5.51 1.95
N PHE A 30 -9.14 6.43 2.83
CA PHE A 30 -7.73 6.71 3.07
C PHE A 30 -6.98 5.42 3.40
#